data_6VJG
#
_entry.id   6VJG
#
_cell.length_a   53.450
_cell.length_b   61.540
_cell.length_c   70.111
_cell.angle_alpha   90.000
_cell.angle_beta   90.000
_cell.angle_gamma   90.000
#
_symmetry.space_group_name_H-M   'I 2 2 2'
#
loop_
_entity.id
_entity.type
_entity.pdbx_description
1 polymer 'CRISPR-associated protein, Csx3 family'
2 water water
#
_entity_poly.entity_id   1
_entity_poly.type   'polypeptide(L)'
_entity_poly.pdbx_seq_one_letter_code
;HHHHHHMKFAVIDRKNFTLIHFEIEKPIKPEILKEIEIPSVDTRKGVVISGRGPIWLHCFLAHKYHHTPFVAVYDPRLGA
VVVQSHSELREGDVIDVVVEEILKGGVRHV
;
_entity_poly.pdbx_strand_id   A
#
# COMPACT_ATOMS: atom_id res chain seq x y z
N MET A 7 -3.92 14.36 -4.09
CA MET A 7 -3.44 13.21 -3.32
C MET A 7 -1.94 13.18 -3.14
N LYS A 8 -1.52 12.74 -1.96
CA LYS A 8 -0.11 12.66 -1.61
C LYS A 8 0.23 11.25 -1.19
N PHE A 9 1.39 10.77 -1.61
CA PHE A 9 1.88 9.45 -1.23
C PHE A 9 3.13 9.59 -0.37
N ALA A 10 3.25 8.69 0.61
CA ALA A 10 4.49 8.51 1.36
C ALA A 10 4.89 7.05 1.23
N VAL A 11 6.12 6.82 0.79
CA VAL A 11 6.59 5.49 0.41
C VAL A 11 7.74 5.15 1.33
N ILE A 12 7.64 4.00 2.02
CA ILE A 12 8.68 3.55 2.94
C ILE A 12 9.14 2.17 2.48
N ASP A 13 10.42 2.06 2.16
CA ASP A 13 10.99 0.84 1.61
C ASP A 13 11.60 0.04 2.77
N ARG A 14 11.00 -1.09 3.09
CA ARG A 14 11.52 -2.02 4.08
C ARG A 14 12.19 -3.21 3.39
N LYS A 15 12.78 -4.10 4.20
CA LYS A 15 13.56 -5.19 3.63
C LYS A 15 12.69 -6.11 2.76
N ASN A 16 11.47 -6.39 3.20
CA ASN A 16 10.64 -7.40 2.55
C ASN A 16 9.34 -6.85 1.97
N PHE A 17 9.08 -5.56 2.12
CA PHE A 17 7.87 -4.98 1.54
C PHE A 17 8.08 -3.48 1.45
N THR A 18 7.26 -2.84 0.62
CA THR A 18 7.22 -1.39 0.51
C THR A 18 5.88 -0.91 1.04
N LEU A 19 5.91 0.06 1.94
CA LEU A 19 4.69 0.66 2.44
C LEU A 19 4.30 1.84 1.56
N ILE A 20 3.05 1.85 1.09
CA ILE A 20 2.53 2.97 0.31
C ILE A 20 1.38 3.56 1.10
N HIS A 21 1.61 4.71 1.70
CA HIS A 21 0.59 5.42 2.44
C HIS A 21 0.08 6.58 1.60
N PHE A 22 -1.23 6.72 1.50
CA PHE A 22 -1.79 7.87 0.78
C PHE A 22 -2.63 8.70 1.74
N GLU A 23 -2.78 9.97 1.38
CA GLU A 23 -3.63 10.89 2.13
C GLU A 23 -4.40 11.71 1.13
N ILE A 24 -5.70 11.80 1.32
CA ILE A 24 -6.56 12.59 0.45
C ILE A 24 -6.73 13.97 1.07
N GLU A 25 -6.30 15.00 0.34
CA GLU A 25 -6.33 16.37 0.83
C GLU A 25 -7.64 17.08 0.51
N LYS A 26 -8.32 16.66 -0.54
CA LYS A 26 -9.61 17.19 -0.95
C LYS A 26 -10.41 15.98 -1.44
N PRO A 27 -11.72 15.94 -1.19
CA PRO A 27 -12.50 14.76 -1.62
C PRO A 27 -12.38 14.56 -3.12
N ILE A 28 -12.35 13.29 -3.54
CA ILE A 28 -12.00 12.98 -4.91
C ILE A 28 -13.19 12.38 -5.66
N LYS A 29 -13.21 12.64 -6.97
CA LYS A 29 -14.08 12.09 -7.99
C LYS A 29 -13.42 10.87 -8.62
N PRO A 30 -14.21 9.85 -9.00
CA PRO A 30 -13.60 8.63 -9.54
C PRO A 30 -12.76 8.87 -10.78
N GLU A 31 -13.08 9.92 -11.56
CA GLU A 31 -12.37 10.18 -12.80
C GLU A 31 -10.87 10.36 -12.60
N ILE A 32 -10.43 10.68 -11.38
CA ILE A 32 -9.00 10.91 -11.18
C ILE A 32 -8.17 9.63 -11.14
N LEU A 33 -8.81 8.45 -11.07
CA LEU A 33 -8.01 7.23 -11.07
C LEU A 33 -7.18 7.12 -12.36
N LYS A 34 -7.72 7.59 -13.48
CA LYS A 34 -6.97 7.66 -14.74
C LYS A 34 -5.70 8.48 -14.58
N GLU A 35 -5.77 9.55 -13.79
CA GLU A 35 -4.74 10.57 -13.77
C GLU A 35 -3.71 10.36 -12.66
N ILE A 36 -4.01 9.49 -11.70
CA ILE A 36 -3.12 9.27 -10.56
C ILE A 36 -1.76 8.78 -11.02
N GLU A 37 -0.72 9.45 -10.57
CA GLU A 37 0.65 8.99 -10.77
C GLU A 37 1.03 8.14 -9.58
N ILE A 38 1.11 6.83 -9.77
CA ILE A 38 1.32 5.91 -8.65
C ILE A 38 2.82 5.77 -8.43
N PRO A 39 3.26 5.64 -7.19
CA PRO A 39 4.72 5.54 -6.94
C PRO A 39 5.29 4.25 -7.49
N SER A 40 6.44 4.37 -8.15
CA SER A 40 7.16 3.18 -8.56
C SER A 40 7.76 2.51 -7.33
N VAL A 41 7.84 1.18 -7.37
CA VAL A 41 8.39 0.41 -6.26
C VAL A 41 9.29 -0.68 -6.83
N ASP A 42 10.16 -1.19 -5.96
CA ASP A 42 10.89 -2.41 -6.22
C ASP A 42 9.90 -3.57 -6.40
N THR A 43 9.70 -4.03 -7.64
CA THR A 43 8.70 -5.08 -7.88
C THR A 43 9.14 -6.45 -7.38
N ARG A 44 10.31 -6.54 -6.77
CA ARG A 44 10.80 -7.76 -6.14
C ARG A 44 10.39 -7.89 -4.67
N LYS A 45 9.66 -6.90 -4.15
CA LYS A 45 9.13 -6.90 -2.80
C LYS A 45 7.63 -6.67 -2.88
N GLY A 46 6.89 -7.24 -1.93
CA GLY A 46 5.46 -7.00 -1.85
C GLY A 46 5.19 -5.57 -1.38
N VAL A 47 3.90 -5.26 -1.30
CA VAL A 47 3.44 -3.90 -1.01
C VAL A 47 2.39 -3.94 0.10
N VAL A 48 2.46 -3.00 1.03
CA VAL A 48 1.40 -2.75 2.00
C VAL A 48 0.80 -1.38 1.67
N ILE A 49 -0.53 -1.33 1.48
CA ILE A 49 -1.22 -0.10 1.12
C ILE A 49 -1.97 0.43 2.33
N SER A 50 -1.78 1.70 2.66
CA SER A 50 -2.45 2.27 3.82
C SER A 50 -2.99 3.65 3.48
N GLY A 51 -4.13 4.00 4.07
CA GLY A 51 -4.69 5.32 3.90
C GLY A 51 -6.19 5.30 4.09
N ARG A 52 -6.75 6.48 4.31
CA ARG A 52 -8.20 6.67 4.46
C ARG A 52 -8.75 7.17 3.13
N GLY A 53 -9.66 6.40 2.54
CA GLY A 53 -10.25 6.78 1.29
C GLY A 53 -11.31 5.81 0.83
N PRO A 54 -11.98 6.14 -0.28
CA PRO A 54 -13.09 5.32 -0.75
C PRO A 54 -12.62 3.91 -1.12
N ILE A 55 -13.52 2.94 -0.97
CA ILE A 55 -13.15 1.55 -1.21
C ILE A 55 -12.60 1.38 -2.61
N TRP A 56 -13.18 2.06 -3.60
CA TRP A 56 -12.68 1.92 -4.96
C TRP A 56 -11.25 2.46 -5.11
N LEU A 57 -10.84 3.40 -4.26
CA LEU A 57 -9.44 3.84 -4.34
C LEU A 57 -8.49 2.75 -3.83
N HIS A 58 -8.82 2.09 -2.72
CA HIS A 58 -8.01 0.96 -2.25
C HIS A 58 -7.93 -0.14 -3.30
N CYS A 59 -9.07 -0.51 -3.90
CA CYS A 59 -9.05 -1.56 -4.90
C CYS A 59 -8.21 -1.17 -6.10
N PHE A 60 -8.31 0.10 -6.51
CA PHE A 60 -7.52 0.57 -7.62
C PHE A 60 -6.03 0.44 -7.31
N LEU A 61 -5.63 0.90 -6.13
CA LEU A 61 -4.21 0.84 -5.78
C LEU A 61 -3.73 -0.60 -5.64
N ALA A 62 -4.55 -1.46 -5.03
CA ALA A 62 -4.15 -2.86 -4.91
C ALA A 62 -3.95 -3.49 -6.27
N HIS A 63 -4.80 -3.15 -7.24
CA HIS A 63 -4.60 -3.69 -8.58
C HIS A 63 -3.29 -3.17 -9.20
N LYS A 64 -3.02 -1.87 -9.03
CA LYS A 64 -1.85 -1.29 -9.68
C LYS A 64 -0.56 -1.96 -9.23
N TYR A 65 -0.55 -2.51 -8.02
CA TYR A 65 0.63 -3.18 -7.49
C TYR A 65 0.55 -4.70 -7.60
N HIS A 66 -0.33 -5.22 -8.46
CA HIS A 66 -0.52 -6.67 -8.48
C HIS A 66 0.69 -7.43 -9.03
N HIS A 67 1.59 -6.76 -9.76
CA HIS A 67 2.74 -7.46 -10.32
C HIS A 67 3.80 -7.81 -9.28
N THR A 68 3.68 -7.30 -8.05
CA THR A 68 4.64 -7.58 -6.99
C THR A 68 4.33 -8.94 -6.33
N PRO A 69 5.22 -9.44 -5.46
CA PRO A 69 4.98 -10.76 -4.84
C PRO A 69 3.72 -10.86 -4.00
N PHE A 70 3.22 -9.76 -3.44
CA PHE A 70 1.99 -9.81 -2.64
C PHE A 70 1.51 -8.39 -2.42
N VAL A 71 0.20 -8.25 -2.18
CA VAL A 71 -0.37 -6.96 -1.81
C VAL A 71 -1.16 -7.16 -0.53
N ALA A 72 -0.90 -6.30 0.44
CA ALA A 72 -1.61 -6.32 1.71
C ALA A 72 -2.24 -4.96 1.93
N VAL A 73 -3.37 -4.95 2.65
CA VAL A 73 -4.11 -3.73 2.90
C VAL A 73 -4.16 -3.50 4.40
N TYR A 74 -3.77 -2.31 4.84
CA TYR A 74 -3.67 -2.04 6.26
C TYR A 74 -5.05 -1.93 6.89
N ASP A 75 -5.21 -2.57 8.04
CA ASP A 75 -6.42 -2.47 8.83
C ASP A 75 -5.94 -2.12 10.23
N PRO A 76 -6.33 -0.97 10.78
CA PRO A 76 -5.80 -0.56 12.08
C PRO A 76 -6.10 -1.53 13.22
N ARG A 77 -7.06 -2.46 13.05
CA ARG A 77 -7.39 -3.41 14.10
C ARG A 77 -6.65 -4.72 13.97
N LEU A 78 -5.93 -4.95 12.88
CA LEU A 78 -5.33 -6.25 12.63
C LEU A 78 -3.88 -6.19 12.22
N GLY A 79 -3.48 -5.17 11.48
CA GLY A 79 -2.28 -5.20 10.68
C GLY A 79 -2.60 -5.17 9.21
N ALA A 80 -1.63 -5.56 8.40
CA ALA A 80 -1.82 -5.54 6.95
C ALA A 80 -2.31 -6.91 6.47
N VAL A 81 -3.52 -6.96 5.91
CA VAL A 81 -4.13 -8.22 5.49
C VAL A 81 -3.72 -8.50 4.05
N VAL A 82 -3.10 -9.65 3.81
CA VAL A 82 -2.73 -10.05 2.45
C VAL A 82 -3.99 -10.34 1.65
N VAL A 83 -4.15 -9.61 0.54
CA VAL A 83 -5.33 -9.81 -0.32
C VAL A 83 -4.99 -10.49 -1.63
N GLN A 84 -3.73 -10.50 -2.05
CA GLN A 84 -3.29 -11.29 -3.18
C GLN A 84 -1.83 -11.63 -2.96
N SER A 85 -1.42 -12.79 -3.45
CA SER A 85 -0.05 -13.20 -3.24
C SER A 85 0.39 -14.19 -4.31
N HIS A 86 1.62 -14.03 -4.76
CA HIS A 86 2.34 -14.99 -5.59
C HIS A 86 3.65 -15.33 -4.93
N SER A 87 3.60 -15.49 -3.61
CA SER A 87 4.77 -15.64 -2.76
C SER A 87 4.43 -16.72 -1.75
N GLU A 88 5.25 -16.83 -0.71
CA GLU A 88 4.97 -17.80 0.35
C GLU A 88 3.75 -17.40 1.18
N LEU A 89 3.41 -16.11 1.21
CA LEU A 89 2.25 -15.68 1.98
C LEU A 89 0.98 -16.20 1.31
N ARG A 90 -0.02 -16.51 2.13
CA ARG A 90 -1.34 -16.86 1.62
C ARG A 90 -2.29 -15.69 1.82
N GLU A 91 -3.31 -15.61 0.96
CA GLU A 91 -4.35 -14.62 1.18
C GLU A 91 -4.92 -14.78 2.59
N GLY A 92 -5.18 -13.67 3.24
CA GLY A 92 -5.71 -13.73 4.57
C GLY A 92 -4.65 -13.78 5.66
N ASP A 93 -3.40 -14.03 5.30
CA ASP A 93 -2.33 -13.88 6.29
C ASP A 93 -2.22 -12.40 6.68
N VAL A 94 -1.55 -12.13 7.79
CA VAL A 94 -1.46 -10.77 8.31
C VAL A 94 0.00 -10.43 8.49
N ILE A 95 0.40 -9.25 8.06
CA ILE A 95 1.74 -8.71 8.31
C ILE A 95 1.63 -7.70 9.45
N ASP A 96 2.34 -7.96 10.54
CA ASP A 96 2.22 -7.13 11.75
C ASP A 96 3.15 -5.94 11.61
N VAL A 97 2.60 -4.79 11.22
CA VAL A 97 3.36 -3.56 11.07
C VAL A 97 3.17 -2.70 12.31
N VAL A 98 4.27 -2.24 12.90
CA VAL A 98 4.24 -1.38 14.07
C VAL A 98 4.65 0.01 13.63
N VAL A 99 3.77 1.00 13.86
CA VAL A 99 3.97 2.33 13.27
C VAL A 99 5.28 2.95 13.74
N GLU A 100 5.70 2.67 14.97
CA GLU A 100 6.95 3.25 15.46
C GLU A 100 8.17 2.56 14.87
N GLU A 101 8.00 1.34 14.36
CA GLU A 101 9.12 0.68 13.69
C GLU A 101 9.24 1.12 12.24
N ILE A 102 8.11 1.30 11.55
CA ILE A 102 8.13 1.70 10.15
C ILE A 102 8.69 3.11 10.01
N LEU A 103 8.42 3.99 10.97
CA LEU A 103 8.88 5.36 10.88
C LEU A 103 10.38 5.50 11.10
N LYS A 104 11.05 4.44 11.55
CA LYS A 104 12.51 4.41 11.54
C LYS A 104 13.06 4.45 10.11
N GLY A 105 12.22 4.10 9.11
CA GLY A 105 12.65 4.13 7.73
C GLY A 105 12.48 5.49 7.09
N GLY A 106 13.19 5.68 5.98
CA GLY A 106 13.08 6.93 5.25
C GLY A 106 11.76 7.00 4.51
N VAL A 107 11.14 8.17 4.55
CA VAL A 107 9.89 8.41 3.84
C VAL A 107 10.24 9.10 2.53
N ARG A 108 9.79 8.51 1.42
CA ARG A 108 9.92 9.10 0.10
C ARG A 108 8.57 9.70 -0.27
N HIS A 109 8.55 11.01 -0.52
CA HIS A 109 7.33 11.74 -0.79
C HIS A 109 7.20 11.95 -2.29
N VAL A 110 6.12 11.44 -2.86
CA VAL A 110 5.87 11.53 -4.30
C VAL A 110 4.68 12.46 -4.54
#